data_8ZPM
#
_entry.id   8ZPM
#
_cell.length_a   1.00
_cell.length_b   1.00
_cell.length_c   1.00
_cell.angle_alpha   90.00
_cell.angle_beta   90.00
_cell.angle_gamma   90.00
#
_symmetry.space_group_name_H-M   'P 1'
#
loop_
_entity.id
_entity.type
_entity.pdbx_description
1 polymer 'Soluble cytochrome b562,C-X-C chemokine receptor type 4'
2 polymer 'Nb6 nanobody'
3 non-polymer Mavorixafor
4 non-polymer CHOLESTEROL
#
loop_
_entity_poly.entity_id
_entity_poly.type
_entity_poly.pdbx_seq_one_letter_code
_entity_poly.pdbx_strand_id
1 'polypeptide(L)'
;MKTIIALSYIFCLVFADYKDDDDKGSADLEDNWETLNDNLKVIEKADNAAQVKDALTKMRAAALDAQKATPPKLEDKSPD
SPEMKDFRHGFDILVGQIDDALKLANEGKVKEAQAAAEQLKTTRNAYIQKYLLVPRGSMEGISIYTSDNYTEEMGSGDYD
SMKEPCFREENANFNKIFLPTIYSIIFLTGIVGNGLVILVMGYQKKLRSMTDKYRLHLSVADLLFVITLPFWAVDAVANW
YFGNFLCKAVHVIYTVNLYSSVWILAFISLDRYLAIVHATNSQRPRKLLAEKVVYVGVWIPALLLTIPDFIFANVSEADD
RYICDRFYPNDLWVVVFQFQHIMVGLILPGIVILSCYCIIISRLKSVRLLSGSREKDRNLRRITRPTVILILAFFACWLP
YYIGISIDSFILLEIIKQGCEFENTVHKWISITEALAFFHCCLNPILYAFLGAKFKTSAQHALTSGRPLEVLFQGPHHHH
HHHHHH
;
R
2 'polypeptide(L)'
;MLLVNQSHQGFNKEHTSKMVSAIVLYVLLAAAAHSAFAMAQVQLQESGGGLVQAGESLRLSCAASGTIFRLYDMGWYRRV
SGNQRELVASITSGGSTKYGDSVKGRFTISRDNAKNTVYLQMSSLKPEDTAVYYCNAEYRTGIWEELLDGWGQGTQVTVS
SHHHHHHHH
;
N
#
# COMPACT_ATOMS: atom_id res chain seq x y z
N ALA A 172 -20.84 -14.94 28.12
CA ALA A 172 -22.16 -14.50 28.59
C ALA A 172 -23.16 -14.47 27.44
N ASN A 173 -24.42 -14.17 27.79
CA ASN A 173 -25.46 -14.10 26.76
C ASN A 173 -25.16 -12.99 25.75
N PHE A 174 -24.54 -11.90 26.19
CA PHE A 174 -24.19 -10.83 25.26
C PHE A 174 -23.29 -11.36 24.14
N ASN A 175 -22.24 -12.10 24.50
CA ASN A 175 -21.39 -12.71 23.49
C ASN A 175 -22.15 -13.77 22.70
N LYS A 176 -23.00 -14.55 23.38
CA LYS A 176 -23.74 -15.60 22.71
C LYS A 176 -24.63 -15.07 21.60
N ILE A 177 -25.15 -13.85 21.75
CA ILE A 177 -25.91 -13.24 20.66
C ILE A 177 -25.02 -12.43 19.71
N PHE A 178 -23.93 -11.84 20.20
CA PHE A 178 -23.13 -10.96 19.36
C PHE A 178 -22.32 -11.75 18.34
N LEU A 179 -21.68 -12.84 18.77
CA LEU A 179 -20.75 -13.55 17.90
C LEU A 179 -21.39 -14.16 16.66
N PRO A 180 -22.51 -14.90 16.76
CA PRO A 180 -23.10 -15.46 15.53
C PRO A 180 -23.53 -14.42 14.52
N THR A 181 -24.01 -13.26 14.96
CA THR A 181 -24.45 -12.24 14.01
C THR A 181 -23.29 -11.74 13.16
N ILE A 182 -22.19 -11.38 13.82
CA ILE A 182 -21.01 -10.92 13.09
C ILE A 182 -20.45 -12.04 12.21
N TYR A 183 -20.43 -13.27 12.73
CA TYR A 183 -19.92 -14.39 11.95
C TYR A 183 -20.76 -14.62 10.69
N SER A 184 -22.08 -14.53 10.81
CA SER A 184 -22.95 -14.73 9.64
C SER A 184 -22.79 -13.59 8.64
N ILE A 185 -22.68 -12.35 9.13
CA ILE A 185 -22.48 -11.22 8.22
C ILE A 185 -21.17 -11.40 7.45
N ILE A 186 -20.10 -11.75 8.17
CA ILE A 186 -18.80 -11.93 7.53
C ILE A 186 -18.84 -13.09 6.56
N PHE A 187 -19.50 -14.20 6.94
CA PHE A 187 -19.60 -15.35 6.06
C PHE A 187 -20.32 -15.00 4.77
N LEU A 188 -21.45 -14.30 4.87
CA LEU A 188 -22.19 -13.92 3.67
C LEU A 188 -21.36 -13.01 2.77
N THR A 189 -20.80 -11.93 3.34
CA THR A 189 -20.05 -10.98 2.53
C THR A 189 -18.81 -11.64 1.93
N GLY A 190 -18.08 -12.44 2.72
CA GLY A 190 -16.89 -13.09 2.21
C GLY A 190 -17.19 -14.10 1.12
N ILE A 191 -18.23 -14.93 1.32
CA ILE A 191 -18.62 -15.88 0.29
C ILE A 191 -18.92 -15.15 -1.01
N VAL A 192 -19.77 -14.12 -0.93
CA VAL A 192 -20.20 -13.44 -2.15
C VAL A 192 -19.01 -12.78 -2.83
N GLY A 193 -18.22 -12.01 -2.07
CA GLY A 193 -17.12 -11.27 -2.67
C GLY A 193 -16.03 -12.17 -3.23
N ASN A 194 -15.60 -13.16 -2.44
CA ASN A 194 -14.53 -14.04 -2.88
C ASN A 194 -14.97 -14.92 -4.05
N GLY A 195 -16.20 -15.43 -4.02
CA GLY A 195 -16.70 -16.17 -5.16
C GLY A 195 -16.75 -15.32 -6.41
N LEU A 196 -17.20 -14.07 -6.27
CA LEU A 196 -17.25 -13.17 -7.43
C LEU A 196 -15.86 -12.90 -7.98
N VAL A 197 -14.90 -12.65 -7.10
CA VAL A 197 -13.54 -12.35 -7.54
C VAL A 197 -12.93 -13.56 -8.25
N ILE A 198 -13.11 -14.75 -7.66
CA ILE A 198 -12.55 -15.95 -8.26
C ILE A 198 -13.21 -16.24 -9.60
N LEU A 199 -14.52 -16.06 -9.69
CA LEU A 199 -15.21 -16.30 -10.97
C LEU A 199 -14.75 -15.29 -12.02
N VAL A 200 -14.55 -14.03 -11.62
CA VAL A 200 -14.14 -13.00 -12.57
C VAL A 200 -12.74 -13.28 -13.08
N MET A 201 -11.82 -13.66 -12.19
CA MET A 201 -10.43 -13.83 -12.59
C MET A 201 -10.07 -15.27 -12.96
N GLY A 202 -11.03 -16.18 -12.98
CA GLY A 202 -10.75 -17.54 -13.40
C GLY A 202 -11.14 -17.83 -14.83
N TYR A 203 -12.31 -18.46 -15.02
CA TYR A 203 -12.74 -18.85 -16.35
C TYR A 203 -12.87 -17.66 -17.28
N GLN A 204 -13.19 -16.47 -16.75
CA GLN A 204 -13.33 -15.29 -17.59
C GLN A 204 -11.99 -14.84 -18.15
N LYS A 205 -10.89 -15.11 -17.44
CA LYS A 205 -9.54 -14.77 -17.90
C LYS A 205 -9.40 -13.28 -18.18
N LYS A 206 -9.80 -12.45 -17.22
CA LYS A 206 -9.66 -11.01 -17.32
C LYS A 206 -8.22 -10.64 -16.97
N LEU A 207 -7.96 -9.36 -16.73
CA LEU A 207 -6.60 -8.87 -16.53
C LEU A 207 -5.88 -9.67 -15.45
N ARG A 208 -4.69 -10.14 -15.77
CA ARG A 208 -3.94 -11.09 -14.93
C ARG A 208 -2.49 -10.65 -14.80
N SER A 209 -2.26 -9.40 -14.43
CA SER A 209 -0.90 -8.98 -14.07
C SER A 209 -0.48 -9.69 -12.78
N MET A 210 0.76 -9.43 -12.35
CA MET A 210 1.31 -10.13 -11.20
C MET A 210 0.48 -9.87 -9.94
N THR A 211 0.06 -8.62 -9.75
CA THR A 211 -0.78 -8.29 -8.60
C THR A 211 -2.13 -8.99 -8.70
N ASP A 212 -2.65 -9.15 -9.91
CA ASP A 212 -3.90 -9.91 -10.07
C ASP A 212 -3.72 -11.38 -9.72
N LYS A 213 -2.59 -11.99 -10.10
CA LYS A 213 -2.33 -13.36 -9.71
C LYS A 213 -2.24 -13.51 -8.20
N TYR A 214 -1.52 -12.59 -7.54
CA TYR A 214 -1.39 -12.65 -6.10
C TYR A 214 -2.73 -12.46 -5.42
N ARG A 215 -3.57 -11.55 -5.92
CA ARG A 215 -4.87 -11.35 -5.32
C ARG A 215 -5.81 -12.52 -5.60
N LEU A 216 -5.62 -13.23 -6.71
CA LEU A 216 -6.39 -14.45 -6.94
C LEU A 216 -6.01 -15.52 -5.92
N HIS A 217 -4.71 -15.67 -5.65
CA HIS A 217 -4.28 -16.58 -4.58
C HIS A 217 -4.90 -16.19 -3.25
N LEU A 218 -4.89 -14.89 -2.96
CA LEU A 218 -5.43 -14.40 -1.70
C LEU A 218 -6.93 -14.66 -1.59
N SER A 219 -7.67 -14.45 -2.69
CA SER A 219 -9.11 -14.71 -2.68
C SER A 219 -9.41 -16.19 -2.51
N VAL A 220 -8.61 -17.06 -3.13
CA VAL A 220 -8.80 -18.49 -2.94
C VAL A 220 -8.63 -18.87 -1.47
N ALA A 221 -7.55 -18.37 -0.85
CA ALA A 221 -7.33 -18.66 0.55
C ALA A 221 -8.45 -18.12 1.43
N ASP A 222 -8.89 -16.89 1.15
CA ASP A 222 -9.93 -16.27 1.97
C ASP A 222 -11.25 -17.03 1.86
N LEU A 223 -11.62 -17.45 0.66
CA LEU A 223 -12.85 -18.23 0.48
C LEU A 223 -12.75 -19.57 1.19
N LEU A 224 -11.58 -20.24 1.08
CA LEU A 224 -11.41 -21.51 1.75
C LEU A 224 -11.58 -21.37 3.26
N PHE A 225 -11.13 -20.25 3.83
CA PHE A 225 -11.38 -20.05 5.26
C PHE A 225 -12.82 -19.68 5.56
N VAL A 226 -13.43 -18.82 4.73
CA VAL A 226 -14.78 -18.34 4.98
C VAL A 226 -15.79 -19.48 4.91
N ILE A 227 -15.49 -20.52 4.14
CA ILE A 227 -16.35 -21.70 4.03
C ILE A 227 -16.68 -22.28 5.41
N THR A 228 -15.78 -22.12 6.38
CA THR A 228 -15.89 -22.80 7.66
C THR A 228 -16.45 -21.92 8.78
N LEU A 229 -17.14 -20.83 8.45
CA LEU A 229 -17.67 -19.94 9.48
C LEU A 229 -18.99 -20.41 10.10
N PRO A 230 -19.93 -21.01 9.34
CA PRO A 230 -21.16 -21.49 9.98
C PRO A 230 -20.93 -22.49 11.10
N PHE A 231 -19.90 -23.33 10.99
CA PHE A 231 -19.59 -24.25 12.09
C PHE A 231 -19.24 -23.49 13.36
N TRP A 232 -18.45 -22.43 13.23
CA TRP A 232 -18.08 -21.64 14.40
C TRP A 232 -19.28 -20.86 14.95
N ALA A 233 -20.17 -20.39 14.07
CA ALA A 233 -21.37 -19.72 14.53
C ALA A 233 -22.25 -20.67 15.34
N VAL A 234 -22.44 -21.90 14.85
CA VAL A 234 -23.24 -22.88 15.57
C VAL A 234 -22.57 -23.28 16.87
N ASP A 235 -21.24 -23.39 16.87
CA ASP A 235 -20.52 -23.67 18.09
C ASP A 235 -20.72 -22.57 19.13
N ALA A 236 -20.70 -21.32 18.69
CA ALA A 236 -20.92 -20.20 19.61
C ALA A 236 -22.35 -20.20 20.14
N VAL A 237 -23.32 -20.55 19.31
CA VAL A 237 -24.72 -20.46 19.72
C VAL A 237 -25.07 -21.59 20.67
N ALA A 238 -25.02 -22.84 20.18
CA ALA A 238 -25.57 -23.97 20.92
C ALA A 238 -24.53 -24.99 21.32
N ASN A 239 -23.82 -25.60 20.38
CA ASN A 239 -23.01 -26.78 20.65
C ASN A 239 -22.20 -27.12 19.40
N TRP A 240 -21.40 -28.17 19.50
CA TRP A 240 -20.60 -28.68 18.38
C TRP A 240 -20.99 -30.14 18.15
N TYR A 241 -21.82 -30.38 17.14
CA TYR A 241 -22.26 -31.73 16.80
C TYR A 241 -21.52 -32.30 15.59
N PHE A 242 -20.34 -31.78 15.29
CA PHE A 242 -19.71 -32.05 14.00
C PHE A 242 -18.66 -33.17 14.08
N GLY A 243 -17.70 -33.07 14.99
CA GLY A 243 -16.80 -34.18 15.26
C GLY A 243 -15.35 -33.76 15.23
N ASN A 244 -14.51 -34.71 15.63
CA ASN A 244 -13.07 -34.48 15.74
C ASN A 244 -12.46 -34.17 14.37
N PHE A 245 -12.88 -34.89 13.34
CA PHE A 245 -12.34 -34.67 12.00
C PHE A 245 -12.64 -33.26 11.53
N LEU A 246 -13.88 -32.79 11.75
CA LEU A 246 -14.24 -31.44 11.31
C LEU A 246 -13.53 -30.38 12.15
N CYS A 247 -13.35 -30.65 13.45
CA CYS A 247 -12.58 -29.72 14.28
C CYS A 247 -11.17 -29.54 13.75
N LYS A 248 -10.49 -30.67 13.47
CA LYS A 248 -9.14 -30.60 12.94
C LYS A 248 -9.13 -29.90 11.58
N ALA A 249 -10.10 -30.19 10.72
CA ALA A 249 -10.14 -29.60 9.40
C ALA A 249 -10.29 -28.08 9.47
N VAL A 250 -11.20 -27.60 10.32
CA VAL A 250 -11.42 -26.15 10.39
C VAL A 250 -10.21 -25.45 11.00
N HIS A 251 -9.58 -26.06 12.01
CA HIS A 251 -8.37 -25.45 12.56
C HIS A 251 -7.26 -25.37 11.52
N VAL A 252 -7.07 -26.44 10.74
CA VAL A 252 -6.03 -26.46 9.72
C VAL A 252 -6.30 -25.39 8.67
N ILE A 253 -7.56 -25.27 8.22
CA ILE A 253 -7.90 -24.28 7.22
C ILE A 253 -7.65 -22.87 7.75
N TYR A 254 -8.00 -22.63 9.01
CA TYR A 254 -7.74 -21.33 9.62
C TYR A 254 -6.25 -21.00 9.59
N THR A 255 -5.41 -21.95 10.02
CA THR A 255 -3.97 -21.68 10.05
C THR A 255 -3.42 -21.42 8.65
N VAL A 256 -3.83 -22.23 7.67
CA VAL A 256 -3.33 -22.08 6.30
C VAL A 256 -3.69 -20.71 5.77
N ASN A 257 -4.96 -20.30 5.94
CA ASN A 257 -5.37 -18.98 5.49
C ASN A 257 -4.58 -17.89 6.18
N LEU A 258 -4.43 -18.00 7.50
CA LEU A 258 -3.82 -16.94 8.29
C LEU A 258 -2.39 -16.68 7.86
N TYR A 259 -1.64 -17.73 7.56
CA TYR A 259 -0.28 -17.49 7.08
C TYR A 259 -0.22 -17.09 5.61
N SER A 260 -1.02 -17.73 4.75
CA SER A 260 -0.92 -17.49 3.33
C SER A 260 -1.32 -16.05 2.97
N SER A 261 -2.32 -15.50 3.66
CA SER A 261 -2.78 -14.16 3.33
C SER A 261 -1.68 -13.12 3.55
N VAL A 262 -1.08 -13.12 4.75
CA VAL A 262 -0.08 -12.11 5.04
C VAL A 262 1.17 -12.33 4.21
N TRP A 263 1.54 -13.59 3.93
CA TRP A 263 2.74 -13.76 3.12
C TRP A 263 2.50 -13.47 1.65
N ILE A 264 1.27 -13.61 1.17
CA ILE A 264 0.96 -13.13 -0.18
C ILE A 264 1.04 -11.61 -0.24
N LEU A 265 0.61 -10.94 0.84
CA LEU A 265 0.80 -9.49 0.91
C LEU A 265 2.28 -9.12 0.86
N ALA A 266 3.12 -9.87 1.58
CA ALA A 266 4.55 -9.62 1.53
C ALA A 266 5.12 -9.83 0.14
N PHE A 267 4.66 -10.88 -0.56
CA PHE A 267 5.09 -11.11 -1.93
C PHE A 267 4.66 -9.98 -2.86
N ILE A 268 3.44 -9.45 -2.68
CA ILE A 268 3.00 -8.30 -3.46
C ILE A 268 3.93 -7.11 -3.22
N SER A 269 4.27 -6.86 -1.95
CA SER A 269 5.16 -5.76 -1.62
C SER A 269 6.52 -5.92 -2.29
N LEU A 270 7.09 -7.13 -2.22
CA LEU A 270 8.37 -7.38 -2.85
C LEU A 270 8.30 -7.21 -4.35
N ASP A 271 7.21 -7.67 -4.97
CA ASP A 271 7.04 -7.50 -6.41
C ASP A 271 6.98 -6.03 -6.78
N ARG A 272 6.26 -5.23 -6.00
CA ARG A 272 6.18 -3.80 -6.29
C ARG A 272 7.55 -3.14 -6.16
N TYR A 273 8.31 -3.52 -5.12
CA TYR A 273 9.65 -2.98 -4.96
C TYR A 273 10.54 -3.31 -6.15
N LEU A 274 10.49 -4.56 -6.60
CA LEU A 274 11.30 -4.95 -7.75
C LEU A 274 10.86 -4.21 -9.01
N ALA A 275 9.56 -4.01 -9.19
CA ALA A 275 9.06 -3.37 -10.40
C ALA A 275 9.40 -1.88 -10.43
N ILE A 276 9.43 -1.24 -9.27
CA ILE A 276 9.67 0.21 -9.23
C ILE A 276 11.15 0.53 -9.19
N VAL A 277 11.90 -0.09 -8.27
CA VAL A 277 13.32 0.27 -8.12
C VAL A 277 14.12 -0.17 -9.34
N HIS A 278 13.93 -1.41 -9.78
CA HIS A 278 14.63 -1.96 -10.94
C HIS A 278 13.58 -2.17 -12.03
N ALA A 279 13.32 -1.11 -12.81
CA ALA A 279 12.18 -1.09 -13.71
C ALA A 279 12.44 -1.71 -15.07
N THR A 280 13.68 -2.05 -15.40
CA THR A 280 14.00 -2.57 -16.73
C THR A 280 14.68 -3.93 -16.73
N ASN A 281 15.28 -4.35 -15.62
CA ASN A 281 16.00 -5.62 -15.56
C ASN A 281 15.35 -6.63 -14.62
N SER A 282 14.12 -6.38 -14.17
CA SER A 282 13.47 -7.23 -13.19
C SER A 282 12.35 -8.08 -13.78
N GLN A 283 12.21 -8.12 -15.11
CA GLN A 283 11.15 -8.92 -15.71
C GLN A 283 11.31 -10.40 -15.37
N ARG A 284 12.51 -10.95 -15.61
CA ARG A 284 12.73 -12.36 -15.31
C ARG A 284 12.63 -12.67 -13.82
N PRO A 285 13.26 -11.91 -12.91
CA PRO A 285 13.05 -12.19 -11.48
C PRO A 285 11.61 -12.09 -11.05
N ARG A 286 10.86 -11.12 -11.57
CA ARG A 286 9.45 -11.00 -11.20
C ARG A 286 8.64 -12.18 -11.71
N LYS A 287 8.89 -12.60 -12.95
CA LYS A 287 8.17 -13.75 -13.49
C LYS A 287 8.49 -15.01 -12.70
N LEU A 288 9.75 -15.23 -12.36
CA LEU A 288 10.13 -16.40 -11.57
C LEU A 288 9.51 -16.35 -10.18
N LEU A 289 9.56 -15.19 -9.53
CA LEU A 289 9.00 -15.05 -8.18
C LEU A 289 7.51 -15.30 -8.18
N ALA A 290 6.79 -14.80 -9.19
CA ALA A 290 5.34 -15.00 -9.23
C ALA A 290 4.93 -16.36 -9.76
N GLU A 291 5.82 -17.08 -10.43
CA GLU A 291 5.47 -18.39 -10.97
C GLU A 291 5.87 -19.54 -10.05
N LYS A 292 7.16 -19.66 -9.74
CA LYS A 292 7.66 -20.84 -9.06
C LYS A 292 7.94 -20.62 -7.58
N VAL A 293 8.59 -19.51 -7.23
CA VAL A 293 8.97 -19.28 -5.83
C VAL A 293 7.77 -19.02 -4.94
N VAL A 294 6.63 -18.59 -5.52
CA VAL A 294 5.47 -18.23 -4.72
C VAL A 294 4.95 -19.43 -3.93
N TYR A 295 4.84 -20.59 -4.59
CA TYR A 295 4.35 -21.77 -3.89
C TYR A 295 5.28 -22.16 -2.74
N VAL A 296 6.58 -22.21 -3.01
CA VAL A 296 7.54 -22.63 -1.99
C VAL A 296 7.59 -21.64 -0.85
N GLY A 297 7.34 -20.36 -1.14
CA GLY A 297 7.44 -19.34 -0.10
C GLY A 297 6.17 -19.09 0.68
N VAL A 298 5.04 -19.54 0.14
CA VAL A 298 3.75 -19.28 0.78
C VAL A 298 3.11 -20.56 1.27
N TRP A 299 2.85 -21.50 0.35
CA TRP A 299 1.97 -22.61 0.67
C TRP A 299 2.69 -23.68 1.48
N ILE A 300 3.91 -24.05 1.08
CA ILE A 300 4.60 -25.15 1.74
C ILE A 300 4.90 -24.86 3.21
N PRO A 301 5.47 -23.71 3.59
CA PRO A 301 5.63 -23.43 5.03
C PRO A 301 4.31 -23.37 5.78
N ALA A 302 3.25 -22.84 5.14
CA ALA A 302 1.95 -22.81 5.78
C ALA A 302 1.43 -24.21 6.06
N LEU A 303 1.57 -25.12 5.09
CA LEU A 303 1.14 -26.49 5.29
C LEU A 303 1.99 -27.17 6.36
N LEU A 304 3.30 -26.92 6.36
CA LEU A 304 4.17 -27.56 7.35
C LEU A 304 3.98 -27.00 8.75
N LEU A 305 3.42 -25.80 8.87
CA LEU A 305 3.12 -25.24 10.19
C LEU A 305 1.81 -25.75 10.77
N THR A 306 1.06 -26.55 10.02
CA THR A 306 -0.22 -27.09 10.49
C THR A 306 -0.08 -28.40 11.25
N ILE A 307 1.15 -28.89 11.43
CA ILE A 307 1.35 -30.11 12.22
C ILE A 307 0.80 -29.97 13.63
N PRO A 308 1.05 -28.86 14.36
CA PRO A 308 0.40 -28.71 15.66
C PRO A 308 -1.11 -28.71 15.58
N ASP A 309 -1.69 -28.24 14.46
CA ASP A 309 -3.13 -28.32 14.29
C ASP A 309 -3.59 -29.77 14.12
N PHE A 310 -2.80 -30.57 13.39
CA PHE A 310 -3.15 -31.98 13.24
C PHE A 310 -2.98 -32.77 14.53
N ILE A 311 -2.07 -32.34 15.40
CA ILE A 311 -1.82 -33.07 16.64
C ILE A 311 -2.79 -32.65 17.74
N PHE A 312 -2.96 -31.34 17.94
CA PHE A 312 -3.57 -30.82 19.15
C PHE A 312 -5.05 -30.45 19.02
N ALA A 313 -5.55 -30.23 17.80
CA ALA A 313 -6.96 -29.91 17.64
C ALA A 313 -7.81 -31.13 17.99
N ASN A 314 -8.81 -30.92 18.85
CA ASN A 314 -9.60 -32.03 19.37
C ASN A 314 -10.96 -31.52 19.81
N VAL A 315 -11.85 -32.46 20.12
CA VAL A 315 -13.19 -32.17 20.61
C VAL A 315 -13.29 -32.69 22.04
N SER A 316 -13.56 -31.80 22.99
CA SER A 316 -13.69 -32.17 24.38
C SER A 316 -15.14 -32.54 24.70
N GLU A 317 -15.37 -32.89 25.96
CA GLU A 317 -16.68 -33.29 26.43
C GLU A 317 -16.96 -32.58 27.75
N ALA A 318 -16.85 -31.25 27.72
CA ALA A 318 -17.15 -30.44 28.90
C ALA A 318 -18.63 -30.57 29.26
N ASP A 319 -19.03 -29.90 30.34
CA ASP A 319 -20.38 -30.03 30.85
C ASP A 319 -21.41 -29.53 29.84
N ASP A 320 -22.40 -30.38 29.56
CA ASP A 320 -23.61 -30.08 28.79
C ASP A 320 -23.35 -29.88 27.30
N ARG A 321 -22.10 -29.84 26.84
CA ARG A 321 -21.83 -29.60 25.43
C ARG A 321 -20.40 -29.97 25.10
N TYR A 322 -20.13 -30.09 23.80
CA TYR A 322 -18.79 -30.34 23.29
C TYR A 322 -18.09 -29.02 23.01
N ILE A 323 -16.76 -29.07 23.04
CA ILE A 323 -15.92 -27.91 22.75
C ILE A 323 -14.87 -28.32 21.72
N CYS A 324 -14.72 -27.51 20.69
CA CYS A 324 -13.73 -27.75 19.64
C CYS A 324 -12.65 -26.68 19.75
N ASP A 325 -11.49 -27.05 20.30
CA ASP A 325 -10.38 -26.13 20.45
C ASP A 325 -9.10 -26.94 20.55
N ARG A 326 -7.98 -26.27 20.26
CA ARG A 326 -6.68 -26.92 20.37
C ARG A 326 -6.35 -27.15 21.83
N PHE A 327 -5.93 -28.37 22.15
CA PHE A 327 -5.66 -28.78 23.52
C PHE A 327 -4.17 -29.14 23.64
N TYR A 328 -3.45 -28.37 24.44
CA TYR A 328 -2.03 -28.56 24.70
C TYR A 328 -1.82 -29.14 26.10
N PRO A 329 -0.65 -29.73 26.35
CA PRO A 329 -0.37 -30.22 27.72
C PRO A 329 -0.45 -29.14 28.78
N ASN A 330 -0.05 -27.91 28.48
CA ASN A 330 -0.14 -26.81 29.43
C ASN A 330 -0.11 -25.48 28.66
N ASP A 331 -0.24 -24.39 29.41
CA ASP A 331 -0.32 -23.06 28.82
C ASP A 331 0.99 -22.59 28.20
N LEU A 332 2.12 -23.24 28.51
CA LEU A 332 3.37 -22.86 27.88
C LEU A 332 3.31 -23.02 26.37
N TRP A 333 2.67 -24.10 25.91
CA TRP A 333 2.46 -24.27 24.48
C TRP A 333 1.57 -23.16 23.93
N VAL A 334 0.58 -22.72 24.71
CA VAL A 334 -0.29 -21.64 24.26
C VAL A 334 0.53 -20.37 24.04
N VAL A 335 1.39 -20.05 25.00
CA VAL A 335 2.23 -18.85 24.88
C VAL A 335 3.18 -18.99 23.69
N VAL A 336 3.78 -20.17 23.51
CA VAL A 336 4.73 -20.37 22.43
C VAL A 336 4.05 -20.21 21.08
N PHE A 337 2.87 -20.81 20.91
CA PHE A 337 2.18 -20.71 19.63
C PHE A 337 1.63 -19.32 19.39
N GLN A 338 1.20 -18.62 20.45
CA GLN A 338 0.78 -17.23 20.28
C GLN A 338 1.96 -16.37 19.81
N PHE A 339 3.14 -16.56 20.41
CA PHE A 339 4.30 -15.78 20.02
C PHE A 339 4.74 -16.10 18.60
N GLN A 340 4.70 -17.38 18.21
CA GLN A 340 5.11 -17.74 16.85
C GLN A 340 4.10 -17.23 15.83
N HIS A 341 2.81 -17.23 16.16
CA HIS A 341 1.81 -16.63 15.29
C HIS A 341 2.07 -15.14 15.15
N ILE A 342 2.31 -14.45 16.26
CA ILE A 342 2.59 -13.02 16.20
C ILE A 342 3.78 -12.75 15.30
N MET A 343 4.86 -13.50 15.49
CA MET A 343 6.06 -13.31 14.68
C MET A 343 5.76 -13.54 13.21
N VAL A 344 5.42 -14.77 12.84
CA VAL A 344 5.28 -15.16 11.44
C VAL A 344 4.18 -14.39 10.73
N GLY A 345 3.20 -13.85 11.46
CA GLY A 345 2.11 -13.14 10.80
C GLY A 345 2.16 -11.64 10.91
N LEU A 346 3.07 -11.09 11.70
CA LEU A 346 3.12 -9.64 11.78
C LEU A 346 4.50 -9.05 11.55
N ILE A 347 5.56 -9.70 12.03
CA ILE A 347 6.87 -9.05 12.10
C ILE A 347 7.65 -9.28 10.82
N LEU A 348 7.92 -10.54 10.48
CA LEU A 348 8.71 -10.82 9.29
C LEU A 348 8.07 -10.31 8.01
N PRO A 349 6.80 -10.64 7.70
CA PRO A 349 6.17 -9.97 6.56
C PRO A 349 6.05 -8.48 6.75
N GLY A 350 5.83 -8.05 7.99
CA GLY A 350 5.80 -6.63 8.29
C GLY A 350 7.13 -5.96 8.00
N ILE A 351 8.23 -6.61 8.36
CA ILE A 351 9.55 -6.05 8.09
C ILE A 351 9.81 -5.99 6.58
N VAL A 352 9.46 -7.05 5.86
CA VAL A 352 9.67 -7.04 4.41
C VAL A 352 8.87 -5.93 3.75
N ILE A 353 7.59 -5.81 4.12
CA ILE A 353 6.73 -4.77 3.55
C ILE A 353 7.24 -3.38 3.93
N LEU A 354 7.66 -3.20 5.18
CA LEU A 354 8.18 -1.91 5.63
C LEU A 354 9.40 -1.50 4.79
N SER A 355 10.37 -2.40 4.64
CA SER A 355 11.57 -2.06 3.89
C SER A 355 11.23 -1.75 2.44
N CYS A 356 10.45 -2.64 1.80
CA CYS A 356 10.13 -2.45 0.39
C CYS A 356 9.40 -1.14 0.16
N TYR A 357 8.41 -0.83 1.01
CA TYR A 357 7.63 0.37 0.78
C TYR A 357 8.36 1.64 1.21
N CYS A 358 9.28 1.56 2.18
CA CYS A 358 10.11 2.71 2.46
C CYS A 358 10.97 3.06 1.25
N ILE A 359 11.60 2.05 0.63
CA ILE A 359 12.37 2.31 -0.58
C ILE A 359 11.47 2.82 -1.69
N ILE A 360 10.28 2.23 -1.83
CA ILE A 360 9.36 2.61 -2.91
C ILE A 360 8.94 4.07 -2.77
N ILE A 361 8.54 4.48 -1.56
CA ILE A 361 8.08 5.84 -1.36
C ILE A 361 9.25 6.83 -1.50
N SER A 362 10.44 6.45 -1.05
CA SER A 362 11.59 7.30 -1.28
C SER A 362 11.86 7.49 -2.77
N ARG A 363 11.60 6.46 -3.57
CA ARG A 363 11.79 6.56 -5.01
C ARG A 363 10.66 7.34 -5.68
N LEU A 364 9.45 7.29 -5.14
CA LEU A 364 8.30 7.88 -5.81
C LEU A 364 8.28 9.40 -5.69
N LYS A 365 8.68 9.92 -4.54
CA LYS A 365 8.61 11.36 -4.29
C LYS A 365 9.88 12.10 -4.69
N SER A 366 10.89 11.41 -5.21
CA SER A 366 12.13 12.05 -5.61
C SER A 366 12.45 11.89 -7.09
N VAL A 367 12.04 10.79 -7.70
CA VAL A 367 12.32 10.58 -9.12
C VAL A 367 11.32 11.37 -9.96
N ARG A 368 11.85 12.17 -10.89
CA ARG A 368 10.99 12.98 -11.74
C ARG A 368 10.12 12.10 -12.63
N LEU A 369 10.68 11.02 -13.15
CA LEU A 369 9.95 10.15 -14.08
C LEU A 369 10.50 8.74 -13.96
N LEU A 370 9.69 7.82 -13.45
CA LEU A 370 10.10 6.43 -13.38
C LEU A 370 10.24 5.85 -14.79
N SER A 371 11.17 4.90 -14.94
CA SER A 371 11.52 4.33 -16.24
C SER A 371 11.96 5.47 -17.13
N GLY A 372 11.34 5.69 -18.30
CA GLY A 372 11.76 6.78 -19.15
C GLY A 372 10.62 7.50 -19.84
N SER A 373 9.38 7.07 -19.58
CA SER A 373 8.21 7.65 -20.23
C SER A 373 7.14 7.93 -19.17
N ARG A 374 6.24 8.85 -19.51
CA ARG A 374 5.22 9.27 -18.56
C ARG A 374 4.17 8.19 -18.35
N GLU A 375 3.83 7.44 -19.41
CA GLU A 375 2.81 6.40 -19.27
C GLU A 375 3.26 5.30 -18.31
N LYS A 376 4.53 4.91 -18.38
CA LYS A 376 5.03 3.91 -17.44
C LYS A 376 4.97 4.42 -16.01
N ASP A 377 5.33 5.69 -15.80
CA ASP A 377 5.27 6.27 -14.46
C ASP A 377 3.84 6.24 -13.92
N ARG A 378 2.87 6.71 -14.72
CA ARG A 378 1.50 6.76 -14.22
C ARG A 378 0.93 5.37 -14.00
N ASN A 379 1.29 4.41 -14.86
CA ASN A 379 0.86 3.04 -14.62
C ASN A 379 1.43 2.50 -13.32
N LEU A 380 2.71 2.77 -13.04
CA LEU A 380 3.30 2.30 -11.80
C LEU A 380 2.59 2.89 -10.60
N ARG A 381 2.29 4.18 -10.63
CA ARG A 381 1.58 4.79 -9.51
C ARG A 381 0.18 4.20 -9.34
N ARG A 382 -0.54 4.03 -10.45
CA ARG A 382 -1.93 3.58 -10.39
C ARG A 382 -2.03 2.13 -9.96
N ILE A 383 -1.00 1.32 -10.20
CA ILE A 383 -1.01 -0.05 -9.69
C ILE A 383 -0.45 -0.13 -8.28
N THR A 384 0.42 0.80 -7.88
CA THR A 384 1.00 0.74 -6.54
C THR A 384 0.02 1.20 -5.48
N ARG A 385 -0.81 2.21 -5.77
CA ARG A 385 -1.65 2.80 -4.73
C ARG A 385 -2.66 1.82 -4.10
N PRO A 386 -3.43 1.04 -4.86
CA PRO A 386 -4.37 0.12 -4.21
C PRO A 386 -3.70 -0.89 -3.31
N THR A 387 -2.49 -1.34 -3.64
CA THR A 387 -1.77 -2.25 -2.75
C THR A 387 -1.45 -1.58 -1.42
N VAL A 388 -1.09 -0.29 -1.46
CA VAL A 388 -0.83 0.45 -0.23
C VAL A 388 -2.10 0.50 0.62
N ILE A 389 -3.23 0.82 -0.01
CA ILE A 389 -4.49 0.88 0.74
C ILE A 389 -4.83 -0.48 1.34
N LEU A 390 -4.68 -1.55 0.56
CA LEU A 390 -5.02 -2.88 1.03
C LEU A 390 -4.14 -3.31 2.20
N ILE A 391 -2.83 -3.05 2.11
CA ILE A 391 -1.93 -3.44 3.19
C ILE A 391 -2.25 -2.66 4.46
N LEU A 392 -2.49 -1.35 4.32
CA LEU A 392 -2.82 -0.54 5.50
C LEU A 392 -4.10 -1.02 6.15
N ALA A 393 -5.14 -1.31 5.34
CA ALA A 393 -6.40 -1.80 5.89
C ALA A 393 -6.22 -3.15 6.58
N PHE A 394 -5.45 -4.05 5.97
CA PHE A 394 -5.18 -5.36 6.56
C PHE A 394 -4.55 -5.22 7.94
N PHE A 395 -3.48 -4.44 8.03
CA PHE A 395 -2.80 -4.30 9.31
C PHE A 395 -3.64 -3.55 10.34
N ALA A 396 -4.42 -2.56 9.89
CA ALA A 396 -5.31 -1.86 10.80
C ALA A 396 -6.37 -2.79 11.38
N CYS A 397 -6.92 -3.69 10.54
CA CYS A 397 -7.86 -4.67 11.05
C CYS A 397 -7.22 -5.60 12.06
N TRP A 398 -6.01 -6.09 11.76
CA TRP A 398 -5.44 -7.14 12.61
C TRP A 398 -4.79 -6.61 13.89
N LEU A 399 -4.39 -5.34 13.94
CA LEU A 399 -3.56 -4.87 15.05
C LEU A 399 -4.19 -5.00 16.43
N PRO A 400 -5.43 -4.55 16.68
CA PRO A 400 -5.96 -4.64 18.04
C PRO A 400 -6.05 -6.06 18.58
N TYR A 401 -6.31 -7.04 17.72
CA TYR A 401 -6.28 -8.43 18.17
C TYR A 401 -4.88 -8.83 18.61
N TYR A 402 -3.87 -8.38 17.88
CA TYR A 402 -2.49 -8.67 18.27
C TYR A 402 -2.15 -8.02 19.61
N ILE A 403 -2.63 -6.79 19.84
CA ILE A 403 -2.42 -6.14 21.14
C ILE A 403 -3.08 -6.96 22.24
N GLY A 404 -4.32 -7.42 21.99
CA GLY A 404 -5.02 -8.19 23.00
C GLY A 404 -4.33 -9.50 23.33
N ILE A 405 -3.87 -10.24 22.30
CA ILE A 405 -3.20 -11.51 22.57
C ILE A 405 -1.84 -11.28 23.21
N SER A 406 -1.17 -10.17 22.89
CA SER A 406 0.09 -9.86 23.58
C SER A 406 -0.15 -9.62 25.06
N ILE A 407 -1.20 -8.85 25.39
CA ILE A 407 -1.53 -8.62 26.80
C ILE A 407 -1.89 -9.93 27.48
N ASP A 408 -2.65 -10.79 26.79
CA ASP A 408 -3.02 -12.09 27.37
C ASP A 408 -1.79 -12.94 27.62
N SER A 409 -0.85 -12.97 26.67
CA SER A 409 0.37 -13.75 26.85
C SER A 409 1.17 -13.24 28.04
N PHE A 410 1.27 -11.91 28.18
CA PHE A 410 2.00 -11.37 29.32
C PHE A 410 1.28 -11.66 30.63
N ILE A 411 -0.05 -11.76 30.59
CA ILE A 411 -0.80 -12.21 31.76
C ILE A 411 -0.41 -13.64 32.10
N LEU A 412 -0.33 -14.51 31.09
CA LEU A 412 0.09 -15.89 31.33
C LEU A 412 1.53 -15.96 31.81
N LEU A 413 2.39 -15.09 31.29
CA LEU A 413 3.80 -15.06 31.69
C LEU A 413 4.03 -14.37 33.03
N GLU A 414 2.96 -14.12 33.80
CA GLU A 414 3.01 -13.56 35.14
C GLU A 414 3.53 -12.13 35.17
N ILE A 415 3.73 -11.49 34.02
CA ILE A 415 4.19 -10.11 34.00
C ILE A 415 3.08 -9.17 34.47
N ILE A 416 1.86 -9.39 33.98
CA ILE A 416 0.72 -8.54 34.33
C ILE A 416 -0.08 -9.26 35.41
N LYS A 417 -0.09 -8.68 36.62
CA LYS A 417 -0.76 -9.26 37.76
C LYS A 417 -1.88 -8.32 38.21
N GLN A 418 -3.13 -8.76 38.05
CA GLN A 418 -4.30 -8.01 38.49
C GLN A 418 -5.34 -9.01 38.99
N GLY A 419 -6.56 -8.52 39.19
CA GLY A 419 -7.64 -9.38 39.65
C GLY A 419 -8.31 -10.13 38.53
N CYS A 420 -9.27 -10.99 38.92
CA CYS A 420 -9.96 -11.83 37.95
C CYS A 420 -10.80 -11.00 36.97
N GLU A 421 -11.31 -9.85 37.43
CA GLU A 421 -12.06 -8.97 36.53
C GLU A 421 -11.19 -8.50 35.38
N PHE A 422 -9.91 -8.25 35.64
CA PHE A 422 -8.98 -7.88 34.58
C PHE A 422 -8.89 -8.97 33.53
N GLU A 423 -8.74 -10.23 33.97
CA GLU A 423 -8.63 -11.34 33.04
C GLU A 423 -9.92 -11.51 32.23
N ASN A 424 -11.07 -11.38 32.90
CA ASN A 424 -12.33 -11.46 32.17
C ASN A 424 -12.43 -10.35 31.13
N THR A 425 -12.03 -9.13 31.51
CA THR A 425 -12.12 -8.00 30.59
C THR A 425 -11.24 -8.22 29.36
N VAL A 426 -10.01 -8.67 29.56
CA VAL A 426 -9.13 -8.88 28.41
C VAL A 426 -9.63 -10.05 27.56
N HIS A 427 -10.25 -11.04 28.21
CA HIS A 427 -10.81 -12.17 27.46
C HIS A 427 -11.92 -11.71 26.52
N LYS A 428 -12.88 -10.94 27.04
CA LYS A 428 -13.94 -10.42 26.17
C LYS A 428 -13.39 -9.48 25.11
N TRP A 429 -12.41 -8.65 25.48
CA TRP A 429 -11.76 -7.78 24.50
C TRP A 429 -11.19 -8.59 23.35
N ILE A 430 -10.47 -9.66 23.67
CA ILE A 430 -9.85 -10.47 22.61
C ILE A 430 -10.91 -11.15 21.76
N SER A 431 -11.98 -11.66 22.39
CA SER A 431 -13.02 -12.34 21.63
C SER A 431 -13.69 -11.40 20.63
N ILE A 432 -14.15 -10.24 21.12
CA ILE A 432 -14.79 -9.27 20.24
C ILE A 432 -13.83 -8.78 19.18
N THR A 433 -12.56 -8.57 19.55
CA THR A 433 -11.58 -8.05 18.62
C THR A 433 -11.23 -9.04 17.53
N GLU A 434 -11.15 -10.33 17.85
CA GLU A 434 -10.89 -11.32 16.81
C GLU A 434 -12.11 -11.48 15.91
N ALA A 435 -13.31 -11.39 16.47
CA ALA A 435 -14.51 -11.42 15.64
C ALA A 435 -14.50 -10.26 14.66
N LEU A 436 -14.10 -9.08 15.10
CA LEU A 436 -14.05 -7.93 14.20
C LEU A 436 -12.88 -7.99 13.22
N ALA A 437 -11.74 -8.55 13.63
CA ALA A 437 -10.56 -8.64 12.79
C ALA A 437 -10.66 -9.75 11.76
N PHE A 438 -11.62 -10.65 11.90
CA PHE A 438 -11.90 -11.59 10.81
C PHE A 438 -12.42 -10.90 9.55
N PHE A 439 -12.62 -9.58 9.58
CA PHE A 439 -13.11 -8.86 8.42
C PHE A 439 -12.08 -8.75 7.30
N HIS A 440 -10.82 -9.14 7.55
CA HIS A 440 -9.79 -9.05 6.53
C HIS A 440 -10.12 -9.89 5.31
N CYS A 441 -11.00 -10.88 5.46
CA CYS A 441 -11.40 -11.72 4.33
C CYS A 441 -12.19 -10.94 3.29
N CYS A 442 -12.81 -9.83 3.67
CA CYS A 442 -13.66 -9.06 2.77
C CYS A 442 -12.96 -7.84 2.17
N LEU A 443 -11.69 -7.60 2.50
CA LEU A 443 -11.01 -6.40 2.02
C LEU A 443 -10.82 -6.42 0.51
N ASN A 444 -10.38 -7.55 -0.04
CA ASN A 444 -10.10 -7.61 -1.48
C ASN A 444 -11.32 -7.34 -2.33
N PRO A 445 -12.48 -7.99 -2.12
CA PRO A 445 -13.64 -7.68 -2.98
C PRO A 445 -14.14 -6.26 -2.81
N ILE A 446 -14.13 -5.73 -1.58
CA ILE A 446 -14.59 -4.35 -1.37
C ILE A 446 -13.64 -3.37 -2.05
N LEU A 447 -12.33 -3.61 -1.94
CA LEU A 447 -11.36 -2.76 -2.62
C LEU A 447 -11.53 -2.82 -4.13
N TYR A 448 -11.76 -4.03 -4.67
CA TYR A 448 -12.02 -4.15 -6.10
C TYR A 448 -13.29 -3.41 -6.49
N ALA A 449 -14.30 -3.42 -5.62
CA ALA A 449 -15.57 -2.79 -5.93
C ALA A 449 -15.45 -1.27 -5.97
N PHE A 450 -14.86 -0.67 -4.94
CA PHE A 450 -14.86 0.78 -4.88
C PHE A 450 -13.57 1.40 -5.42
N LEU A 451 -12.64 0.60 -5.94
CA LEU A 451 -11.53 1.10 -6.75
C LEU A 451 -11.55 0.54 -8.17
N GLY A 452 -12.61 -0.15 -8.56
CA GLY A 452 -12.65 -0.75 -9.89
C GLY A 452 -13.88 -0.37 -10.69
N ALA A 453 -14.47 0.77 -10.37
CA ALA A 453 -15.63 1.26 -11.10
C ALA A 453 -15.47 2.71 -11.53
N GLN B 41 -5.25 22.28 -8.59
CA GLN B 41 -4.65 23.10 -9.64
C GLN B 41 -3.60 24.06 -9.07
N VAL B 42 -2.82 24.66 -9.96
CA VAL B 42 -1.76 25.59 -9.57
C VAL B 42 -1.92 26.87 -10.38
N GLN B 43 -1.28 27.93 -9.90
CA GLN B 43 -1.34 29.23 -10.55
C GLN B 43 0.07 29.80 -10.69
N LEU B 44 0.48 30.06 -11.93
CA LEU B 44 1.77 30.66 -12.24
C LEU B 44 1.56 32.07 -12.76
N GLN B 45 2.25 33.03 -12.16
CA GLN B 45 2.16 34.43 -12.56
C GLN B 45 3.53 34.93 -12.98
N GLU B 46 3.57 35.74 -14.03
CA GLU B 46 4.81 36.28 -14.56
C GLU B 46 4.85 37.79 -14.36
N SER B 47 6.04 38.31 -14.08
CA SER B 47 6.23 39.74 -13.90
C SER B 47 7.69 40.07 -14.22
N GLY B 48 7.92 41.35 -14.53
CA GLY B 48 9.26 41.82 -14.81
C GLY B 48 9.39 42.50 -16.16
N GLY B 49 8.38 42.33 -17.01
CA GLY B 49 8.39 42.94 -18.33
C GLY B 49 8.05 44.41 -18.31
N GLY B 50 8.17 45.02 -19.47
CA GLY B 50 7.88 46.42 -19.65
C GLY B 50 8.89 47.05 -20.58
N LEU B 51 8.84 48.38 -20.67
CA LEU B 51 9.75 49.15 -21.52
C LEU B 51 10.89 49.67 -20.65
N VAL B 52 12.12 49.30 -21.01
CA VAL B 52 13.30 49.70 -20.26
C VAL B 52 14.33 50.24 -21.24
N GLN B 53 15.21 51.11 -20.73
CA GLN B 53 16.27 51.67 -21.55
C GLN B 53 17.28 50.59 -21.93
N ALA B 54 17.91 50.77 -23.09
CA ALA B 54 18.88 49.81 -23.58
C ALA B 54 20.09 49.75 -22.66
N GLY B 55 20.63 48.54 -22.50
CA GLY B 55 21.80 48.34 -21.66
C GLY B 55 21.52 48.21 -20.18
N GLU B 56 20.25 48.17 -19.79
CA GLU B 56 19.89 48.03 -18.38
C GLU B 56 19.79 46.56 -18.02
N SER B 57 19.43 46.28 -16.77
CA SER B 57 19.30 44.91 -16.27
C SER B 57 17.90 44.71 -15.70
N LEU B 58 17.32 43.54 -15.97
CA LEU B 58 16.01 43.18 -15.47
C LEU B 58 16.08 41.83 -14.78
N ARG B 59 14.99 41.47 -14.12
CA ARG B 59 14.91 40.18 -13.42
C ARG B 59 13.47 39.71 -13.47
N LEU B 60 13.18 38.81 -14.41
CA LEU B 60 11.86 38.22 -14.49
C LEU B 60 11.59 37.32 -13.28
N SER B 61 10.31 37.25 -12.90
CA SER B 61 9.90 36.43 -11.78
C SER B 61 8.75 35.54 -12.20
N CYS B 62 8.63 34.38 -11.54
CA CYS B 62 7.58 33.42 -11.88
C CYS B 62 7.32 32.57 -10.62
N ALA B 63 6.25 32.91 -9.90
CA ALA B 63 5.90 32.24 -8.67
C ALA B 63 4.66 31.38 -8.88
N ALA B 64 4.72 30.13 -8.43
CA ALA B 64 3.63 29.19 -8.59
C ALA B 64 2.95 28.94 -7.25
N SER B 65 1.63 28.99 -7.25
CA SER B 65 0.85 28.77 -6.03
C SER B 65 -0.31 27.84 -6.33
N GLY B 66 -0.68 27.04 -5.34
CA GLY B 66 -1.77 26.09 -5.45
C GLY B 66 -1.37 24.77 -4.81
N THR B 67 -2.05 23.70 -5.25
CA THR B 67 -1.77 22.35 -4.75
C THR B 67 -0.49 21.84 -5.42
N ILE B 68 0.63 22.17 -4.79
CA ILE B 68 1.95 21.78 -5.27
C ILE B 68 2.56 20.81 -4.27
N PHE B 69 2.88 19.61 -4.75
CA PHE B 69 3.57 18.62 -3.92
C PHE B 69 5.08 18.63 -4.16
N ARG B 70 5.49 18.73 -5.42
CA ARG B 70 6.89 18.87 -5.79
C ARG B 70 6.99 19.46 -7.18
N LEU B 71 8.03 20.26 -7.41
CA LEU B 71 8.31 20.87 -8.71
C LEU B 71 9.62 20.30 -9.25
N TYR B 72 9.64 19.95 -10.53
CA TYR B 72 10.76 19.22 -11.11
C TYR B 72 11.61 20.07 -12.02
N ASP B 73 11.02 20.70 -13.04
CA ASP B 73 11.76 21.49 -14.00
C ASP B 73 11.10 22.85 -14.17
N MET B 74 11.93 23.88 -14.38
CA MET B 74 11.48 25.21 -14.73
C MET B 74 12.32 25.72 -15.89
N GLY B 75 11.74 26.61 -16.68
CA GLY B 75 12.48 27.20 -17.78
C GLY B 75 11.65 28.23 -18.50
N TRP B 76 12.35 29.11 -19.21
CA TRP B 76 11.72 30.12 -20.05
C TRP B 76 11.82 29.70 -21.50
N TYR B 77 10.71 29.74 -22.21
CA TYR B 77 10.63 29.23 -23.58
C TYR B 77 10.22 30.35 -24.52
N ARG B 78 10.73 30.28 -25.74
CA ARG B 78 10.42 31.28 -26.76
C ARG B 78 10.46 30.64 -28.14
N GLN B 84 8.10 25.39 -33.11
CA GLN B 84 8.79 24.88 -31.93
C GLN B 84 9.20 26.01 -30.99
N ARG B 85 9.02 25.79 -29.69
CA ARG B 85 9.38 26.75 -28.66
C ARG B 85 10.73 26.32 -28.07
N GLU B 86 11.80 26.96 -28.55
CA GLU B 86 13.13 26.62 -28.08
C GLU B 86 13.32 27.07 -26.64
N LEU B 87 13.87 26.17 -25.82
CA LEU B 87 14.13 26.45 -24.41
C LEU B 87 15.37 27.35 -24.33
N VAL B 88 15.13 28.65 -24.31
CA VAL B 88 16.24 29.59 -24.20
C VAL B 88 16.94 29.44 -22.86
N ALA B 89 16.24 28.95 -21.85
CA ALA B 89 16.84 28.67 -20.54
C ALA B 89 16.01 27.61 -19.85
N SER B 90 16.67 26.79 -19.03
CA SER B 90 15.99 25.72 -18.30
C SER B 90 16.89 25.25 -17.18
N ILE B 91 16.36 25.22 -15.96
CA ILE B 91 17.09 24.78 -14.78
C ILE B 91 16.29 23.68 -14.11
N THR B 92 16.95 22.55 -13.82
CA THR B 92 16.28 21.43 -13.18
C THR B 92 16.20 21.67 -11.68
N SER B 93 15.63 20.69 -10.97
CA SER B 93 15.53 20.80 -9.51
C SER B 93 16.91 20.77 -8.86
N GLY B 94 17.87 20.08 -9.47
CA GLY B 94 19.23 20.03 -8.98
C GLY B 94 20.16 21.11 -9.49
N GLY B 95 19.64 22.08 -10.24
CA GLY B 95 20.45 23.15 -10.75
C GLY B 95 21.19 22.87 -12.04
N SER B 96 20.93 21.73 -12.68
CA SER B 96 21.61 21.36 -13.92
C SER B 96 21.02 22.18 -15.06
N THR B 97 21.47 23.43 -15.16
CA THR B 97 20.95 24.34 -16.18
C THR B 97 21.43 23.91 -17.58
N LYS B 98 20.59 24.19 -18.57
CA LYS B 98 20.87 23.87 -19.96
C LYS B 98 20.51 25.10 -20.81
N TYR B 99 21.48 25.99 -21.00
CA TYR B 99 21.24 27.24 -21.69
C TYR B 99 21.20 27.04 -23.21
N GLY B 100 20.65 28.03 -23.90
CA GLY B 100 20.66 28.02 -25.34
C GLY B 100 22.00 28.43 -25.91
N ASP B 101 22.22 28.07 -27.18
CA ASP B 101 23.48 28.38 -27.85
C ASP B 101 23.67 29.89 -27.98
N SER B 102 22.61 30.60 -28.35
CA SER B 102 22.69 32.04 -28.56
C SER B 102 22.46 32.85 -27.29
N VAL B 103 22.25 32.19 -26.14
CA VAL B 103 22.02 32.86 -24.87
C VAL B 103 23.06 32.49 -23.83
N LYS B 104 23.98 31.58 -24.17
CA LYS B 104 24.97 31.14 -23.19
C LYS B 104 26.01 32.23 -22.95
N GLY B 105 26.42 32.38 -21.70
CA GLY B 105 27.43 33.35 -21.34
C GLY B 105 26.96 34.77 -21.17
N ARG B 106 25.66 35.02 -21.33
CA ARG B 106 25.13 36.38 -21.18
C ARG B 106 24.00 36.41 -20.17
N PHE B 107 23.23 35.34 -20.09
CA PHE B 107 22.06 35.25 -19.24
C PHE B 107 22.35 34.32 -18.07
N THR B 108 21.81 34.65 -16.90
CA THR B 108 21.93 33.81 -15.70
C THR B 108 20.53 33.50 -15.18
N ILE B 109 20.29 32.22 -14.89
CA ILE B 109 19.02 31.77 -14.34
C ILE B 109 19.22 31.38 -12.88
N SER B 110 18.13 31.44 -12.11
CA SER B 110 18.16 31.10 -10.70
C SER B 110 16.82 30.51 -10.29
N ARG B 111 16.83 29.79 -9.18
CA ARG B 111 15.63 29.14 -8.66
C ARG B 111 15.76 28.98 -7.16
N ASP B 112 14.75 29.45 -6.42
CA ASP B 112 14.68 29.28 -4.97
C ASP B 112 13.47 28.40 -4.67
N ASN B 113 13.72 27.13 -4.35
CA ASN B 113 12.64 26.19 -4.13
C ASN B 113 11.77 26.59 -2.94
N ALA B 114 12.41 27.09 -1.87
CA ALA B 114 11.63 27.55 -0.72
C ALA B 114 10.75 28.73 -1.08
N LYS B 115 11.24 29.63 -1.92
CA LYS B 115 10.48 30.78 -2.37
C LYS B 115 9.61 30.48 -3.59
N ASN B 116 9.79 29.30 -4.20
CA ASN B 116 8.96 28.87 -5.33
C ASN B 116 9.00 29.89 -6.46
N THR B 117 10.20 30.17 -6.96
CA THR B 117 10.39 31.18 -7.99
C THR B 117 11.56 30.82 -8.89
N VAL B 118 11.53 31.36 -10.10
CA VAL B 118 12.63 31.25 -11.05
C VAL B 118 12.96 32.64 -11.57
N TYR B 119 14.20 33.07 -11.39
CA TYR B 119 14.66 34.40 -11.75
C TYR B 119 15.64 34.30 -12.91
N LEU B 120 15.39 35.07 -13.97
CA LEU B 120 16.29 35.14 -15.12
C LEU B 120 16.87 36.54 -15.20
N GLN B 121 18.20 36.62 -15.14
CA GLN B 121 18.91 37.89 -15.19
C GLN B 121 19.35 38.15 -16.63
N MET B 122 19.03 39.35 -17.14
CA MET B 122 19.30 39.72 -18.51
C MET B 122 20.43 40.74 -18.54
N SER B 123 21.48 40.44 -19.31
CA SER B 123 22.64 41.31 -19.44
C SER B 123 23.17 41.23 -20.87
N SER B 124 23.85 42.30 -21.28
CA SER B 124 24.42 42.40 -22.64
C SER B 124 23.32 42.22 -23.69
N LEU B 125 22.41 43.19 -23.73
CA LEU B 125 21.27 43.13 -24.63
C LEU B 125 21.70 43.09 -26.08
N LYS B 126 20.95 42.35 -26.88
CA LYS B 126 21.11 42.24 -28.32
C LYS B 126 19.77 42.49 -29.00
N PRO B 127 19.78 42.92 -30.26
CA PRO B 127 18.50 43.18 -30.94
C PRO B 127 17.59 41.98 -31.02
N GLU B 128 18.14 40.76 -31.13
CA GLU B 128 17.32 39.56 -31.25
C GLU B 128 16.67 39.15 -29.94
N ASP B 129 17.06 39.75 -28.81
CA ASP B 129 16.53 39.35 -27.51
C ASP B 129 15.15 39.92 -27.23
N THR B 130 14.66 40.84 -28.05
CA THR B 130 13.34 41.42 -27.83
C THR B 130 12.28 40.45 -28.33
N ALA B 131 11.60 39.79 -27.41
CA ALA B 131 10.58 38.79 -27.75
C ALA B 131 9.70 38.60 -26.51
N VAL B 132 8.81 37.61 -26.59
CA VAL B 132 7.88 37.31 -25.51
C VAL B 132 8.41 36.09 -24.74
N TYR B 133 8.46 36.21 -23.43
CA TYR B 133 9.00 35.16 -22.56
C TYR B 133 7.86 34.43 -21.86
N TYR B 134 7.86 33.10 -21.98
CA TYR B 134 6.85 32.24 -21.36
C TYR B 134 7.54 31.41 -20.27
N CYS B 135 6.99 31.47 -19.06
CA CYS B 135 7.51 30.68 -17.96
C CYS B 135 6.88 29.29 -17.97
N ASN B 136 7.73 28.26 -17.90
CA ASN B 136 7.29 26.88 -17.90
C ASN B 136 7.73 26.20 -16.61
N ALA B 137 6.91 25.27 -16.14
CA ALA B 137 7.22 24.53 -14.92
C ALA B 137 6.54 23.17 -14.97
N GLU B 138 7.20 22.17 -14.41
CA GLU B 138 6.68 20.81 -14.33
C GLU B 138 6.39 20.49 -12.87
N TYR B 139 5.15 20.13 -12.57
CA TYR B 139 4.72 19.93 -11.19
C TYR B 139 3.98 18.60 -11.07
N ARG B 140 3.83 18.15 -9.83
CA ARG B 140 3.07 16.94 -9.51
C ARG B 140 2.19 17.24 -8.31
N THR B 141 0.88 16.96 -8.45
CA THR B 141 -0.08 17.31 -7.41
C THR B 141 -0.16 16.28 -6.30
N GLY B 142 0.42 15.09 -6.49
CA GLY B 142 0.39 14.07 -5.46
C GLY B 142 1.37 12.98 -5.79
N ILE B 143 1.62 12.12 -4.79
CA ILE B 143 2.59 11.04 -4.97
C ILE B 143 2.11 10.09 -6.07
N TRP B 144 0.83 9.74 -6.06
CA TRP B 144 0.28 8.78 -7.01
C TRP B 144 -0.17 9.41 -8.31
N GLU B 145 -0.01 10.72 -8.47
CA GLU B 145 -0.43 11.39 -9.69
C GLU B 145 0.70 11.37 -10.72
N GLU B 146 0.32 11.61 -11.97
CA GLU B 146 1.27 11.61 -13.07
C GLU B 146 2.08 12.91 -13.08
N LEU B 147 2.95 13.06 -14.07
CA LEU B 147 3.78 14.24 -14.22
C LEU B 147 2.98 15.30 -14.97
N LEU B 148 2.53 16.33 -14.25
CA LEU B 148 1.75 17.39 -14.85
C LEU B 148 2.65 18.48 -15.39
N ASP B 149 2.19 19.15 -16.44
CA ASP B 149 2.93 20.22 -17.09
C ASP B 149 2.12 21.51 -17.06
N GLY B 150 2.78 22.61 -16.74
CA GLY B 150 2.13 23.90 -16.66
C GLY B 150 2.85 24.94 -17.52
N TRP B 151 2.18 26.08 -17.68
CA TRP B 151 2.71 27.15 -18.51
C TRP B 151 2.38 28.48 -17.84
N GLY B 152 3.10 29.52 -18.24
CA GLY B 152 2.94 30.84 -17.69
C GLY B 152 2.06 31.74 -18.55
N GLN B 153 1.80 32.93 -18.03
CA GLN B 153 0.91 33.87 -18.71
C GLN B 153 1.55 34.44 -19.96
N GLY B 154 2.80 34.88 -19.86
CA GLY B 154 3.47 35.52 -20.97
C GLY B 154 3.98 36.90 -20.62
N THR B 155 5.28 37.12 -20.77
CA THR B 155 5.92 38.38 -20.41
C THR B 155 6.45 39.05 -21.66
N GLN B 156 6.12 40.32 -21.84
CA GLN B 156 6.59 41.12 -22.97
C GLN B 156 7.76 41.98 -22.54
N VAL B 157 8.91 41.79 -23.19
CA VAL B 157 10.11 42.58 -22.93
C VAL B 157 10.46 43.31 -24.21
N THR B 158 10.54 44.64 -24.13
CA THR B 158 10.81 45.49 -25.28
C THR B 158 12.15 46.18 -25.09
N VAL B 159 13.05 46.00 -26.04
CA VAL B 159 14.35 46.66 -26.06
C VAL B 159 14.54 47.30 -27.43
N SER B 160 15.05 48.53 -27.45
CA SER B 160 15.24 49.25 -28.70
C SER B 160 16.29 48.55 -29.56
N SER B 161 16.01 48.49 -30.86
CA SER B 161 16.91 47.85 -31.81
C SER B 161 17.33 48.82 -32.91
#